data_4AY2
#
_entry.id   4AY2
#
_cell.length_a   47.745
_cell.length_b   76.156
_cell.length_c   221.222
_cell.angle_alpha   90.00
_cell.angle_beta   90.00
_cell.angle_gamma   90.00
#
_symmetry.space_group_name_H-M   'P 21 21 21'
#
loop_
_entity.id
_entity.type
_entity.pdbx_description
1 polymer 'PROBABLE ATP-DEPENDENT RNA HELICASE DDX58'
2 polymer "5'-R-PPP(GP*GP*CP*GP*CP*GP*GP*CP*UP*UP*CP*GP*GP*CP *CP*GP*CP*GP*CP*C)-3'"
3 non-polymer 'ZINC ION'
4 non-polymer "ADENOSINE-5'-DIPHOSPHATE"
5 non-polymer 'MAGNESIUM ION'
6 water water
#
loop_
_entity_poly.entity_id
_entity_poly.type
_entity_poly.pdbx_seq_one_letter_code
_entity_poly.pdbx_strand_id
1 'polypeptide(L)'
;SPFKPRNYQLELALPAMKGKNTIICAPTGCGKTFVSLLICEHHLKKFPQGQKGKVVFFANQIPVYEQNKSVFSKYFERHG
YRVTGISGATAENVPVEQIVENNDIIILTPQILVNNLKKGTIPSLSIFTLMIFDECHNTSKQHPYNMIMFNYLDQKLGGS
SGPLPQVIGLTASVGVGDAKNTDEALDYICKLCASLDASVIATVKHNLEELEQVVYKPQKFFRKVESRISDKFKYIIAQL
MRDTESLAKRICKDLENLSQIQNREFGTQKYEQWIVTVQKACMVFQMPDKDEESRICKALFLYTSHLRKYNDALIISEHA
RMKDALDYLKDFFSNVRAAGFDEIEQDLTQRFEEKLQELESVSRDPSNENPKLEDLCFILQEEYHLNPETITILFVKTRA
LVDALKNWIEGNPKLSFLKPGILTGRGKTNQNTGMTLPAQKCILDAFKASGDHNILIATSVADEGIDIAQCNLVILYEYV
GNVIKMIQTRGRGRARGSKCFLLTSNAGVIEKEQINMYKEKMMNDSILRLQTWDEAVFREKILHIQTHEKFIRDSQEKPK
PVPDKENKKLLCRKCKALACYTADVRVIEDCHYTVLGDAFKECFVSRPHPKPKQFSSFEKRAKIFCARQNCSHDWGIHVK
YKTFEIPVIKIESFVVEDIATGVQTLYSKWKDFHFEKIPFDPAEMSK
;
A
2 'polyribonucleotide' (GTP)GCGCGGCUUCGGCCGCGCC C
#
# COMPACT_ATOMS: atom_id res chain seq x y z
N PRO A 2 17.42 -13.53 21.02
CA PRO A 2 17.17 -14.51 22.07
C PRO A 2 18.04 -15.76 21.94
N PHE A 3 18.10 -16.36 20.76
CA PHE A 3 18.92 -17.55 20.52
C PHE A 3 20.33 -17.25 20.03
N LYS A 4 21.19 -18.26 20.05
CA LYS A 4 22.61 -18.13 19.66
C LYS A 4 22.78 -17.69 18.20
N PRO A 5 23.62 -16.68 17.96
CA PRO A 5 23.95 -16.14 16.63
C PRO A 5 24.41 -17.19 15.62
N ARG A 6 23.84 -17.13 14.42
CA ARG A 6 24.32 -17.90 13.27
C ARG A 6 25.59 -17.24 12.79
N ASN A 7 26.46 -18.02 12.14
CA ASN A 7 27.72 -17.47 11.65
C ASN A 7 27.58 -16.30 10.68
N TYR A 8 26.58 -16.35 9.80
CA TYR A 8 26.38 -15.25 8.85
C TYR A 8 25.95 -13.98 9.57
N GLN A 9 25.27 -14.13 10.71
CA GLN A 9 24.85 -12.96 11.48
C GLN A 9 26.08 -12.27 12.07
N LEU A 10 27.02 -13.09 12.55
CA LEU A 10 28.26 -12.58 13.07
C LEU A 10 29.00 -11.82 11.98
N GLU A 11 29.13 -12.45 10.82
CA GLU A 11 29.75 -11.81 9.65
C GLU A 11 29.08 -10.50 9.20
N LEU A 12 27.75 -10.45 9.26
CA LEU A 12 27.01 -9.27 8.80
C LEU A 12 27.17 -8.06 9.74
N ALA A 13 27.39 -8.30 11.02
CA ALA A 13 27.44 -7.22 12.00
C ALA A 13 28.84 -6.62 12.09
N LEU A 14 29.81 -7.20 11.38
CA LEU A 14 31.19 -6.75 11.53
C LEU A 14 31.48 -5.34 11.03
N PRO A 15 31.07 -5.01 9.80
CA PRO A 15 31.43 -3.68 9.34
C PRO A 15 30.85 -2.57 10.21
N ALA A 16 29.61 -2.77 10.67
CA ALA A 16 28.95 -1.79 11.53
C ALA A 16 29.71 -1.65 12.85
N MET A 17 30.14 -2.78 13.43
CA MET A 17 30.86 -2.76 14.69
C MET A 17 32.23 -2.12 14.54
N LYS A 18 32.72 -2.03 13.32
CA LYS A 18 33.99 -1.34 13.08
C LYS A 18 33.75 0.15 12.87
N GLY A 19 32.50 0.56 13.04
CA GLY A 19 32.16 1.98 13.02
C GLY A 19 31.75 2.50 11.66
N LYS A 20 31.80 1.65 10.64
CA LYS A 20 31.49 2.08 9.29
C LYS A 20 29.99 2.25 9.03
N ASN A 21 29.63 3.25 8.22
CA ASN A 21 28.24 3.42 7.78
C ASN A 21 27.97 2.36 6.72
N THR A 22 27.06 1.44 7.03
CA THR A 22 26.82 0.29 6.18
C THR A 22 25.35 -0.05 5.96
N ILE A 23 25.08 -0.64 4.79
CA ILE A 23 23.79 -1.17 4.47
C ILE A 23 23.87 -2.69 4.54
N ILE A 24 23.02 -3.28 5.34
CA ILE A 24 22.99 -4.71 5.53
C ILE A 24 21.89 -5.22 4.64
N CYS A 25 22.26 -5.87 3.54
CA CYS A 25 21.28 -6.41 2.58
C CYS A 25 21.27 -7.92 2.70
N ALA A 26 20.19 -8.44 3.27
CA ALA A 26 20.03 -9.89 3.48
C ALA A 26 18.57 -10.33 3.35
N PRO A 27 18.33 -11.56 2.85
CA PRO A 27 16.97 -12.04 2.56
C PRO A 27 16.02 -11.94 3.74
N THR A 28 14.74 -11.75 3.47
CA THR A 28 13.69 -11.66 4.47
C THR A 28 13.65 -12.89 5.39
N GLY A 29 13.62 -12.63 6.70
CA GLY A 29 13.49 -13.69 7.70
C GLY A 29 14.78 -14.41 8.02
N CYS A 30 15.90 -13.85 7.61
CA CYS A 30 17.19 -14.47 7.85
C CYS A 30 17.79 -13.93 9.15
N GLY A 31 17.18 -12.87 9.70
CA GLY A 31 17.50 -12.40 11.03
C GLY A 31 18.31 -11.11 11.11
N LYS A 32 17.97 -10.12 10.31
CA LYS A 32 18.72 -8.85 10.31
C LYS A 32 18.45 -8.07 11.57
N THR A 33 17.27 -8.25 12.15
CA THR A 33 16.92 -7.51 13.35
C THR A 33 17.82 -7.95 14.50
N PHE A 34 18.11 -9.25 14.56
CA PHE A 34 19.08 -9.75 15.52
C PHE A 34 20.47 -9.13 15.32
N VAL A 35 20.86 -8.97 14.06
CA VAL A 35 22.11 -8.33 13.69
C VAL A 35 22.10 -6.89 14.20
N SER A 36 20.95 -6.24 14.08
CA SER A 36 20.82 -4.87 14.55
C SER A 36 20.90 -4.82 16.07
N LEU A 37 20.46 -5.91 16.72
CA LEU A 37 20.54 -6.00 18.16
C LEU A 37 21.98 -6.15 18.62
N LEU A 38 22.74 -7.00 17.93
CA LEU A 38 24.17 -7.15 18.15
C LEU A 38 24.92 -5.84 17.95
N ILE A 39 24.62 -5.14 16.85
CA ILE A 39 25.29 -3.87 16.56
C ILE A 39 24.97 -2.84 17.61
N CYS A 40 23.71 -2.79 18.02
CA CYS A 40 23.25 -1.84 19.02
C CYS A 40 23.91 -2.12 20.38
N GLU A 41 23.98 -3.39 20.74
CA GLU A 41 24.60 -3.80 22.00
C GLU A 41 26.04 -3.34 22.02
N HIS A 42 26.77 -3.68 20.95
CA HIS A 42 28.16 -3.28 20.82
C HIS A 42 28.32 -1.78 20.87
N HIS A 43 27.53 -1.08 20.08
CA HIS A 43 27.62 0.38 20.02
C HIS A 43 27.53 1.00 21.39
N LEU A 44 26.53 0.57 22.18
CA LEU A 44 26.30 1.12 23.50
C LEU A 44 27.33 0.64 24.51
N LYS A 45 27.94 -0.50 24.28
CA LYS A 45 28.93 -1.05 25.21
C LYS A 45 30.34 -0.48 24.97
N LYS A 46 30.64 -0.05 23.75
CA LYS A 46 31.98 0.44 23.40
C LYS A 46 32.37 1.73 24.15
N PHE A 47 31.38 2.49 24.61
CA PHE A 47 31.65 3.74 25.29
C PHE A 47 32.24 3.51 26.66
N PRO A 48 33.41 4.12 26.92
CA PRO A 48 34.09 3.98 28.22
C PRO A 48 33.22 4.54 29.34
N GLN A 49 33.45 4.09 30.57
CA GLN A 49 32.63 4.55 31.70
C GLN A 49 32.68 6.06 31.85
N GLY A 50 31.49 6.66 31.93
CA GLY A 50 31.37 8.09 32.08
C GLY A 50 30.85 8.75 30.83
N GLN A 51 30.69 7.94 29.78
CA GLN A 51 30.03 8.38 28.56
C GLN A 51 28.87 7.44 28.19
N LYS A 52 28.04 7.89 27.25
CA LYS A 52 26.86 7.15 26.83
C LYS A 52 26.69 7.32 25.33
N GLY A 53 26.08 6.34 24.68
CA GLY A 53 25.64 6.50 23.30
C GLY A 53 24.15 6.81 23.34
N LYS A 54 23.55 6.94 22.18
CA LYS A 54 22.09 7.04 22.07
C LYS A 54 21.71 6.51 20.70
N VAL A 55 20.82 5.53 20.70
CA VAL A 55 20.49 4.82 19.48
C VAL A 55 19.05 5.11 19.09
N VAL A 56 18.85 5.40 17.81
CA VAL A 56 17.50 5.56 17.28
C VAL A 56 17.26 4.52 16.20
N PHE A 57 16.08 3.89 16.23
CA PHE A 57 15.74 2.83 15.27
C PHE A 57 14.48 3.23 14.52
N PHE A 58 14.54 3.25 13.19
CA PHE A 58 13.40 3.65 12.41
C PHE A 58 12.61 2.48 11.87
N ALA A 59 11.33 2.41 12.25
CA ALA A 59 10.40 1.46 11.64
C ALA A 59 9.43 2.23 10.77
N ASN A 60 9.25 1.77 9.54
CA ASN A 60 8.47 2.49 8.57
C ASN A 60 6.98 2.32 8.80
N GLN A 61 6.59 1.28 9.53
CA GLN A 61 5.18 0.97 9.77
C GLN A 61 4.91 0.66 11.26
N ILE A 62 3.64 0.77 11.68
CA ILE A 62 3.27 0.54 13.09
C ILE A 62 3.56 -0.87 13.66
N PRO A 63 3.14 -1.95 12.96
CA PRO A 63 3.43 -3.30 13.48
C PRO A 63 4.93 -3.54 13.72
N VAL A 64 5.76 -3.11 12.78
CA VAL A 64 7.21 -3.17 12.95
C VAL A 64 7.64 -2.36 14.16
N TYR A 65 7.10 -1.15 14.30
CA TYR A 65 7.39 -0.30 15.43
C TYR A 65 7.14 -1.03 16.76
N GLU A 66 5.97 -1.62 16.90
CA GLU A 66 5.62 -2.31 18.13
C GLU A 66 6.50 -3.51 18.38
N GLN A 67 6.66 -4.35 17.35
CA GLN A 67 7.45 -5.57 17.47
C GLN A 67 8.87 -5.26 17.95
N ASN A 68 9.50 -4.24 17.35
CA ASN A 68 10.85 -3.89 17.71
C ASN A 68 10.96 -3.12 19.02
N LYS A 69 9.87 -2.49 19.43
CA LYS A 69 9.80 -1.87 20.75
C LYS A 69 9.85 -2.97 21.79
N SER A 70 9.03 -4.00 21.62
CA SER A 70 9.05 -5.14 22.53
C SER A 70 10.38 -5.89 22.51
N VAL A 71 10.93 -6.09 21.30
CA VAL A 71 12.16 -6.88 21.12
C VAL A 71 13.38 -6.18 21.70
N PHE A 72 13.53 -4.90 21.37
CA PHE A 72 14.61 -4.08 21.90
C PHE A 72 14.47 -3.85 23.39
N SER A 73 13.24 -3.74 23.89
CA SER A 73 13.00 -3.62 25.32
C SER A 73 13.43 -4.88 26.05
N LYS A 74 13.03 -6.03 25.51
CA LYS A 74 13.28 -7.31 26.15
C LYS A 74 14.76 -7.62 26.15
N TYR A 75 15.42 -7.38 25.02
CA TYR A 75 16.84 -7.65 24.87
C TYR A 75 17.71 -6.87 25.82
N PHE A 76 17.37 -5.60 26.04
CA PHE A 76 18.21 -4.71 26.85
C PHE A 76 17.82 -4.54 28.33
N GLU A 77 17.31 -5.59 28.95
CA GLU A 77 16.93 -5.53 30.37
C GLU A 77 18.10 -5.74 31.33
N ARG A 78 18.89 -6.79 31.10
CA ARG A 78 20.13 -6.99 31.88
C ARG A 78 21.01 -5.75 31.85
N HIS A 79 21.07 -5.10 30.68
CA HIS A 79 21.96 -3.97 30.46
C HIS A 79 21.52 -2.73 31.23
N GLY A 80 20.21 -2.64 31.47
CA GLY A 80 19.63 -1.54 32.24
C GLY A 80 19.37 -0.30 31.40
N TYR A 81 19.63 -0.40 30.11
CA TYR A 81 19.41 0.71 29.19
C TYR A 81 17.95 1.07 29.17
N ARG A 82 17.66 2.37 29.00
CA ARG A 82 16.28 2.85 28.92
C ARG A 82 15.76 2.77 27.48
N VAL A 83 14.68 2.01 27.30
CA VAL A 83 14.07 1.81 25.98
C VAL A 83 12.61 2.28 25.91
N THR A 84 12.37 3.25 25.05
CA THR A 84 11.02 3.68 24.74
C THR A 84 10.90 3.91 23.24
N GLY A 85 9.72 4.34 22.80
CA GLY A 85 9.50 4.66 21.40
C GLY A 85 8.43 5.71 21.23
N ILE A 86 8.43 6.36 20.08
CA ILE A 86 7.39 7.33 19.75
C ILE A 86 6.75 6.99 18.42
N SER A 87 5.43 6.86 18.44
CA SER A 87 4.65 6.67 17.23
C SER A 87 3.64 7.82 17.17
N GLY A 88 2.93 7.89 16.04
CA GLY A 88 1.93 8.90 15.84
C GLY A 88 0.87 8.92 16.91
N ALA A 89 0.79 7.84 17.69
CA ALA A 89 -0.17 7.72 18.80
C ALA A 89 0.46 8.06 20.16
N THR A 90 1.78 7.95 20.25
CA THR A 90 2.50 8.26 21.50
C THR A 90 2.60 9.78 21.62
N ALA A 91 1.44 10.41 21.47
CA ALA A 91 1.33 11.84 21.30
C ALA A 91 0.25 12.36 22.24
N GLU A 92 0.14 13.68 22.43
CA GLU A 92 1.06 14.67 21.86
C GLU A 92 1.65 15.50 22.99
N ASN A 93 0.95 15.53 24.12
CA ASN A 93 1.39 16.25 25.31
C ASN A 93 2.50 15.48 26.04
N VAL A 94 3.42 14.88 25.29
CA VAL A 94 4.63 14.29 25.85
C VAL A 94 5.85 14.92 25.18
N PRO A 95 6.65 15.67 25.95
CA PRO A 95 7.79 16.45 25.43
C PRO A 95 8.86 15.56 24.80
N VAL A 96 8.84 15.52 23.47
CA VAL A 96 9.66 14.61 22.67
C VAL A 96 11.16 14.81 22.86
N GLU A 97 11.60 16.08 22.85
CA GLU A 97 13.01 16.43 23.02
C GLU A 97 13.63 15.77 24.27
N GLN A 98 12.86 15.81 25.37
CA GLN A 98 13.28 15.29 26.65
C GLN A 98 13.10 13.78 26.73
N ILE A 99 12.21 13.22 25.91
CA ILE A 99 12.13 11.77 25.79
C ILE A 99 13.41 11.24 25.14
N VAL A 100 13.94 12.01 24.19
CA VAL A 100 15.23 11.69 23.61
C VAL A 100 16.37 11.91 24.62
N GLU A 101 16.33 13.02 25.34
CA GLU A 101 17.34 13.25 26.40
C GLU A 101 17.36 12.14 27.45
N ASN A 102 16.17 11.66 27.80
CA ASN A 102 16.01 10.71 28.90
C ASN A 102 15.97 9.25 28.50
N ASN A 103 16.47 8.91 27.30
CA ASN A 103 16.49 7.53 26.87
C ASN A 103 17.74 7.13 26.09
N ASP A 104 17.96 5.81 25.98
CA ASP A 104 19.17 5.30 25.36
C ASP A 104 18.89 4.66 24.03
N ILE A 105 17.74 4.02 23.92
CA ILE A 105 17.28 3.49 22.63
C ILE A 105 15.86 4.00 22.40
N ILE A 106 15.68 4.61 21.24
CA ILE A 106 14.39 5.16 20.88
C ILE A 106 13.95 4.62 19.53
N ILE A 107 12.77 4.02 19.50
CA ILE A 107 12.18 3.56 18.25
C ILE A 107 11.27 4.66 17.73
N LEU A 108 11.47 5.07 16.48
CA LEU A 108 10.67 6.11 15.88
C LEU A 108 10.04 5.67 14.58
N THR A 109 8.82 6.15 14.36
CA THR A 109 8.33 6.26 13.00
C THR A 109 9.03 7.49 12.45
N PRO A 110 9.57 7.40 11.24
CA PRO A 110 10.39 8.48 10.67
C PRO A 110 9.74 9.88 10.61
N GLN A 111 8.45 9.93 10.32
CA GLN A 111 7.74 11.19 10.20
C GLN A 111 7.87 12.00 11.49
N ILE A 112 8.01 11.32 12.62
CA ILE A 112 8.09 12.02 13.90
C ILE A 112 9.36 12.82 14.02
N LEU A 113 10.47 12.19 13.67
CA LEU A 113 11.72 12.89 13.64
C LEU A 113 11.66 14.01 12.61
N VAL A 114 10.98 13.76 11.49
CA VAL A 114 10.90 14.73 10.40
C VAL A 114 10.25 15.99 10.95
N ASN A 115 9.06 15.82 11.55
CA ASN A 115 8.32 16.90 12.19
C ASN A 115 9.12 17.68 13.20
N ASN A 116 9.68 16.98 14.19
CA ASN A 116 10.41 17.68 15.26
C ASN A 116 11.68 18.36 14.74
N LEU A 117 12.33 17.77 13.74
CA LEU A 117 13.45 18.44 13.09
C LEU A 117 13.01 19.74 12.42
N LYS A 118 11.86 19.73 11.73
CA LYS A 118 11.35 20.92 11.05
C LYS A 118 10.98 21.99 12.05
N LYS A 119 10.28 21.59 13.11
CA LYS A 119 9.82 22.53 14.13
C LYS A 119 10.93 23.00 15.06
N GLY A 120 12.15 22.51 14.87
CA GLY A 120 13.29 22.97 15.65
C GLY A 120 13.36 22.42 17.06
N THR A 121 12.39 21.60 17.45
CA THR A 121 12.33 21.04 18.80
C THR A 121 13.46 20.05 19.08
N ILE A 122 13.87 19.32 18.05
CA ILE A 122 15.16 18.61 18.08
C ILE A 122 16.12 19.35 17.17
N PRO A 123 17.11 20.03 17.78
CA PRO A 123 17.99 20.93 17.04
C PRO A 123 18.90 20.18 16.08
N SER A 124 19.41 19.04 16.49
CA SER A 124 20.42 18.34 15.73
C SER A 124 20.34 16.83 15.94
N LEU A 125 20.76 16.09 14.90
CA LEU A 125 20.87 14.64 14.94
C LEU A 125 22.15 14.27 15.67
N SER A 126 22.97 15.27 15.98
CA SER A 126 24.14 15.05 16.84
C SER A 126 23.79 14.48 18.22
N ILE A 127 22.51 14.56 18.59
CA ILE A 127 22.02 13.97 19.83
C ILE A 127 22.07 12.45 19.77
N PHE A 128 22.14 11.92 18.56
CA PHE A 128 22.21 10.48 18.35
C PHE A 128 23.62 10.13 17.96
N THR A 129 24.03 8.92 18.33
CA THR A 129 25.35 8.43 17.97
C THR A 129 25.23 7.28 16.98
N LEU A 130 24.01 6.75 16.86
CA LEU A 130 23.74 5.66 15.94
C LEU A 130 22.31 5.77 15.44
N MET A 131 22.16 5.68 14.11
CA MET A 131 20.82 5.64 13.49
C MET A 131 20.65 4.37 12.67
N ILE A 132 19.62 3.58 12.97
CA ILE A 132 19.34 2.36 12.23
C ILE A 132 18.06 2.55 11.43
N PHE A 133 18.15 2.33 10.12
CA PHE A 133 16.99 2.41 9.25
C PHE A 133 16.50 1.01 8.83
N ASP A 134 15.34 0.61 9.34
CA ASP A 134 14.69 -0.61 8.84
C ASP A 134 14.00 -0.35 7.48
N GLU A 135 13.99 -1.33 6.60
CA GLU A 135 13.47 -1.15 5.22
C GLU A 135 14.15 0.04 4.53
N CYS A 136 15.48 0.09 4.65
CA CYS A 136 16.26 1.28 4.30
C CYS A 136 16.29 1.63 2.81
N HIS A 137 15.92 0.69 1.97
CA HIS A 137 15.76 0.96 0.53
C HIS A 137 14.73 2.05 0.21
N ASN A 138 13.96 2.48 1.21
CA ASN A 138 12.99 3.55 1.07
C ASN A 138 13.62 4.93 1.16
N THR A 139 14.93 4.97 1.37
CA THR A 139 15.63 6.22 1.59
C THR A 139 15.90 6.82 0.25
N SER A 140 14.86 7.30 -0.40
CA SER A 140 14.99 7.97 -1.67
C SER A 140 13.88 9.00 -1.87
N LYS A 141 14.06 9.87 -2.85
CA LYS A 141 13.05 10.84 -3.25
C LYS A 141 12.61 11.67 -2.07
N GLN A 142 11.30 11.78 -1.85
CA GLN A 142 10.80 12.65 -0.79
C GLN A 142 10.35 11.91 0.47
N HIS A 143 10.65 10.60 0.53
CA HIS A 143 10.31 9.74 1.65
C HIS A 143 10.94 10.25 2.97
N PRO A 144 10.22 10.09 4.10
CA PRO A 144 10.66 10.49 5.45
C PRO A 144 12.10 10.15 5.79
N TYR A 145 12.52 8.92 5.50
CA TYR A 145 13.89 8.50 5.63
C TYR A 145 14.84 9.50 4.95
N ASN A 146 14.50 9.86 3.72
CA ASN A 146 15.37 10.73 2.97
C ASN A 146 15.33 12.17 3.47
N MET A 147 14.22 12.59 4.09
CA MET A 147 14.20 13.91 4.71
C MET A 147 15.22 13.93 5.84
N ILE A 148 15.16 12.89 6.67
CA ILE A 148 16.06 12.74 7.81
C ILE A 148 17.50 12.82 7.33
N MET A 149 17.79 12.08 6.26
CA MET A 149 19.14 12.05 5.67
C MET A 149 19.54 13.36 5.01
N PHE A 150 18.58 14.13 4.50
CA PHE A 150 18.85 15.48 3.97
C PHE A 150 19.33 16.38 5.09
N ASN A 151 18.76 16.18 6.27
CA ASN A 151 19.20 16.89 7.45
C ASN A 151 20.64 16.52 7.82
N TYR A 152 20.90 15.22 7.92
CA TYR A 152 22.24 14.67 8.17
C TYR A 152 23.24 15.30 7.21
N LEU A 153 22.98 15.11 5.91
CA LEU A 153 23.89 15.54 4.85
C LEU A 153 24.10 17.04 4.82
N ASP A 154 23.07 17.79 5.18
CA ASP A 154 23.24 19.24 5.32
C ASP A 154 24.20 19.57 6.44
N GLN A 155 24.23 18.75 7.47
CA GLN A 155 25.14 18.96 8.57
C GLN A 155 26.58 18.53 8.21
N LYS A 156 26.71 17.39 7.52
CA LYS A 156 28.00 16.86 7.05
C LYS A 156 28.67 17.75 6.00
N LEU A 157 27.92 18.09 4.97
CA LEU A 157 28.45 18.82 3.83
C LEU A 157 28.53 20.32 4.08
N GLY A 158 27.52 20.85 4.77
CA GLY A 158 27.47 22.27 5.05
C GLY A 158 28.49 22.73 6.07
N GLY A 159 29.27 21.77 6.59
CA GLY A 159 30.36 22.04 7.52
C GLY A 159 29.90 22.73 8.80
N SER A 160 29.14 21.99 9.59
CA SER A 160 28.59 22.52 10.85
C SER A 160 28.78 21.45 11.91
N SER A 161 30.02 21.23 12.31
CA SER A 161 30.34 20.08 13.13
C SER A 161 30.81 20.41 14.55
N GLY A 162 30.28 19.72 15.57
CA GLY A 162 29.13 18.82 15.43
C GLY A 162 29.38 17.40 14.91
N PRO A 163 29.66 16.45 15.82
CA PRO A 163 29.81 15.04 15.40
C PRO A 163 28.48 14.46 14.87
N LEU A 164 28.58 13.57 13.88
CA LEU A 164 27.40 12.93 13.31
C LEU A 164 27.24 11.49 13.76
N PRO A 165 26.02 10.97 13.71
CA PRO A 165 25.85 9.62 14.17
C PRO A 165 26.23 8.62 13.07
N GLN A 166 26.64 7.42 13.47
CA GLN A 166 26.83 6.33 12.54
C GLN A 166 25.47 5.94 11.98
N VAL A 167 25.45 5.50 10.73
CA VAL A 167 24.18 5.15 10.07
C VAL A 167 24.25 3.75 9.49
N ILE A 168 23.30 2.90 9.86
CA ILE A 168 23.21 1.58 9.27
C ILE A 168 21.79 1.41 8.75
N GLY A 169 21.62 0.60 7.71
CA GLY A 169 20.30 0.35 7.15
C GLY A 169 20.06 -1.14 6.96
N LEU A 170 18.80 -1.55 7.05
CA LEU A 170 18.46 -2.96 6.84
C LEU A 170 17.49 -3.06 5.67
N THR A 171 17.77 -3.97 4.74
CA THR A 171 16.82 -4.25 3.66
C THR A 171 16.99 -5.68 3.22
N ALA A 172 16.00 -6.16 2.48
CA ALA A 172 16.11 -7.45 1.84
C ALA A 172 16.49 -7.25 0.37
N SER A 173 16.48 -6.01 -0.10
CA SER A 173 16.74 -5.70 -1.50
C SER A 173 16.96 -4.21 -1.69
N VAL A 174 18.18 -3.82 -2.05
CA VAL A 174 18.48 -2.41 -2.26
C VAL A 174 17.82 -1.91 -3.53
N GLY A 175 17.50 -2.82 -4.44
CA GLY A 175 16.77 -2.48 -5.65
C GLY A 175 17.65 -1.69 -6.61
N VAL A 176 17.11 -1.39 -7.78
CA VAL A 176 17.85 -0.79 -8.86
C VAL A 176 17.08 0.34 -9.53
N GLY A 177 15.80 0.45 -9.22
CA GLY A 177 14.95 1.49 -9.76
C GLY A 177 14.49 1.15 -11.15
N ASP A 178 14.48 2.16 -12.01
CA ASP A 178 14.07 2.01 -13.40
C ASP A 178 15.25 1.78 -14.32
N ALA A 179 16.28 1.10 -13.79
CA ALA A 179 17.51 0.81 -14.52
C ALA A 179 17.26 -0.12 -15.70
N LYS A 180 17.90 0.16 -16.82
CA LYS A 180 17.77 -0.67 -18.02
C LYS A 180 19.03 -1.48 -18.27
N ASN A 181 20.19 -0.89 -17.98
CA ASN A 181 21.45 -1.62 -18.11
C ASN A 181 22.14 -1.79 -16.78
N THR A 182 23.20 -2.57 -16.78
CA THR A 182 23.91 -2.89 -15.55
C THR A 182 24.72 -1.73 -14.96
N ASP A 183 24.82 -0.62 -15.69
CA ASP A 183 25.55 0.56 -15.20
C ASP A 183 24.60 1.58 -14.57
N GLU A 184 23.39 1.67 -15.14
CA GLU A 184 22.32 2.43 -14.52
C GLU A 184 21.91 1.85 -13.16
N ALA A 185 21.91 0.52 -13.08
CA ALA A 185 21.61 -0.20 -11.85
C ALA A 185 22.62 0.16 -10.77
N LEU A 186 23.89 0.05 -11.15
CA LEU A 186 24.98 0.36 -10.25
C LEU A 186 24.92 1.81 -9.82
N ASP A 187 24.57 2.71 -10.73
CA ASP A 187 24.51 4.12 -10.41
C ASP A 187 23.40 4.39 -9.41
N TYR A 188 22.26 3.75 -9.61
CA TYR A 188 21.19 3.81 -8.64
C TYR A 188 21.65 3.33 -7.25
N ILE A 189 22.38 2.22 -7.20
CA ILE A 189 22.86 1.70 -5.94
C ILE A 189 23.80 2.68 -5.23
N CYS A 190 24.74 3.26 -5.99
CA CYS A 190 25.64 4.24 -5.41
C CYS A 190 24.84 5.43 -4.91
N LYS A 191 23.75 5.73 -5.59
CA LYS A 191 22.87 6.82 -5.17
C LYS A 191 22.20 6.51 -3.83
N LEU A 192 21.81 5.24 -3.65
CA LEU A 192 21.25 4.82 -2.37
C LEU A 192 22.27 4.92 -1.22
N CYS A 193 23.48 4.39 -1.46
CA CYS A 193 24.58 4.52 -0.50
C CYS A 193 24.83 5.98 -0.17
N ALA A 194 24.80 6.84 -1.20
CA ALA A 194 25.05 8.26 -0.99
C ALA A 194 23.96 8.87 -0.13
N SER A 195 22.70 8.48 -0.36
CA SER A 195 21.58 8.99 0.43
C SER A 195 21.77 8.63 1.88
N LEU A 196 22.25 7.42 2.15
CA LEU A 196 22.41 6.93 3.52
C LEU A 196 23.81 7.16 4.09
N ASP A 197 24.67 7.78 3.29
CA ASP A 197 26.08 7.98 3.63
C ASP A 197 26.79 6.69 3.98
N ALA A 198 26.34 5.59 3.38
CA ALA A 198 26.97 4.27 3.55
C ALA A 198 28.23 4.23 2.74
N SER A 199 29.26 3.57 3.27
CA SER A 199 30.43 3.31 2.45
C SER A 199 30.65 1.81 2.26
N VAL A 200 29.75 1.01 2.83
CA VAL A 200 29.92 -0.44 2.86
C VAL A 200 28.56 -1.11 2.69
N ILE A 201 28.49 -2.09 1.80
CA ILE A 201 27.30 -2.92 1.69
C ILE A 201 27.65 -4.28 2.23
N ALA A 202 26.97 -4.71 3.28
CA ALA A 202 27.27 -6.01 3.90
C ALA A 202 26.37 -7.06 3.32
N THR A 203 26.93 -7.98 2.56
CA THR A 203 26.19 -9.16 2.19
C THR A 203 26.90 -10.41 2.69
N VAL A 204 26.13 -11.47 2.87
CA VAL A 204 26.72 -12.75 3.26
C VAL A 204 27.64 -13.22 2.14
N LYS A 205 28.91 -13.40 2.47
CA LYS A 205 29.90 -13.88 1.50
C LYS A 205 30.59 -15.18 1.96
N HIS A 206 30.88 -15.28 3.26
CA HIS A 206 31.65 -16.41 3.77
C HIS A 206 30.79 -17.56 4.27
N ASN A 207 29.54 -17.27 4.56
CA ASN A 207 28.60 -18.27 5.05
C ASN A 207 27.38 -18.45 4.15
N LEU A 208 27.60 -18.40 2.83
CA LEU A 208 26.52 -18.53 1.86
C LEU A 208 25.80 -19.85 1.98
N GLU A 209 26.56 -20.94 1.97
CA GLU A 209 26.02 -22.29 2.04
C GLU A 209 25.27 -22.55 3.36
N GLU A 210 25.55 -21.75 4.39
CA GLU A 210 24.81 -21.84 5.65
C GLU A 210 23.52 -21.02 5.62
N LEU A 211 23.60 -19.80 5.12
CA LEU A 211 22.43 -18.94 4.96
C LEU A 211 21.38 -19.62 4.08
N GLU A 212 21.86 -20.30 3.04
CA GLU A 212 21.04 -20.98 2.07
C GLU A 212 20.08 -21.94 2.76
N GLN A 213 20.60 -22.68 3.75
CA GLN A 213 19.84 -23.69 4.46
C GLN A 213 18.65 -23.14 5.25
N VAL A 214 18.69 -21.87 5.65
CA VAL A 214 17.57 -21.32 6.43
C VAL A 214 16.66 -20.36 5.64
N VAL A 215 16.75 -20.38 4.31
CA VAL A 215 16.03 -19.43 3.48
C VAL A 215 15.04 -20.07 2.49
N TYR A 216 13.82 -19.54 2.46
CA TYR A 216 12.79 -19.89 1.46
C TYR A 216 13.12 -19.22 0.13
N LYS A 217 13.70 -19.99 -0.79
CA LYS A 217 13.97 -19.50 -2.14
C LYS A 217 13.46 -20.54 -3.12
N PRO A 218 12.15 -20.46 -3.45
CA PRO A 218 11.51 -21.47 -4.26
C PRO A 218 11.96 -21.40 -5.71
N GLN A 219 11.97 -22.55 -6.38
CA GLN A 219 12.26 -22.58 -7.81
C GLN A 219 11.10 -21.95 -8.57
N LYS A 220 11.38 -20.86 -9.27
CA LYS A 220 10.36 -20.08 -9.96
C LYS A 220 10.10 -20.55 -11.40
N PHE A 221 8.85 -20.93 -11.68
CA PHE A 221 8.44 -21.34 -13.03
C PHE A 221 7.30 -20.49 -13.60
N PHE A 222 7.31 -20.36 -14.92
CA PHE A 222 6.32 -19.57 -15.64
C PHE A 222 5.67 -20.40 -16.74
N ARG A 223 4.36 -20.55 -16.67
CA ARG A 223 3.61 -21.17 -17.75
C ARG A 223 2.54 -20.22 -18.26
N LYS A 224 2.78 -19.61 -19.41
CA LYS A 224 1.74 -18.87 -20.08
C LYS A 224 0.71 -19.87 -20.59
N VAL A 225 -0.56 -19.59 -20.28
CA VAL A 225 -1.67 -20.47 -20.65
C VAL A 225 -2.63 -19.72 -21.57
N GLU A 226 -3.20 -20.41 -22.55
CA GLU A 226 -4.09 -19.77 -23.52
C GLU A 226 -5.49 -19.61 -22.94
N SER A 227 -6.08 -18.42 -23.10
CA SER A 227 -7.47 -18.19 -22.67
C SER A 227 -8.49 -18.89 -23.58
N ARG A 228 -9.74 -18.96 -23.13
CA ARG A 228 -10.80 -19.64 -23.87
C ARG A 228 -11.00 -19.01 -25.24
N ILE A 229 -11.04 -19.84 -26.27
CA ILE A 229 -11.20 -19.36 -27.65
C ILE A 229 -12.55 -18.67 -27.90
N SER A 230 -13.66 -19.39 -27.79
CA SER A 230 -15.00 -18.81 -28.01
C SER A 230 -15.75 -18.67 -26.69
N ASP A 231 -16.21 -17.45 -26.40
CA ASP A 231 -16.95 -17.22 -25.16
C ASP A 231 -18.24 -16.46 -25.37
N LYS A 232 -19.35 -17.19 -25.35
CA LYS A 232 -20.67 -16.59 -25.53
C LYS A 232 -21.38 -16.38 -24.19
N PHE A 233 -20.78 -16.88 -23.11
CA PHE A 233 -21.28 -16.64 -21.75
C PHE A 233 -21.11 -15.16 -21.39
N LYS A 234 -19.92 -14.64 -21.64
CA LYS A 234 -19.58 -13.24 -21.43
C LYS A 234 -20.52 -12.31 -22.18
N TYR A 235 -20.91 -12.68 -23.39
CA TYR A 235 -21.76 -11.82 -24.23
C TYR A 235 -23.13 -11.63 -23.58
N ILE A 236 -23.75 -12.74 -23.17
CA ILE A 236 -25.04 -12.75 -22.47
C ILE A 236 -25.02 -11.99 -21.12
N ILE A 237 -24.05 -12.32 -20.28
CA ILE A 237 -23.92 -11.63 -19.00
C ILE A 237 -23.65 -10.14 -19.21
N ALA A 238 -22.85 -9.80 -20.21
CA ALA A 238 -22.56 -8.39 -20.52
C ALA A 238 -23.83 -7.65 -20.90
N GLN A 239 -24.69 -8.32 -21.67
CA GLN A 239 -25.94 -7.70 -22.08
C GLN A 239 -26.83 -7.49 -20.86
N LEU A 240 -26.82 -8.43 -19.92
CA LEU A 240 -27.57 -8.28 -18.68
C LEU A 240 -27.06 -7.06 -17.89
N MET A 241 -25.73 -6.90 -17.84
CA MET A 241 -25.14 -5.76 -17.13
C MET A 241 -25.48 -4.43 -17.80
N ARG A 242 -25.42 -4.37 -19.12
CA ARG A 242 -25.84 -3.17 -19.85
C ARG A 242 -27.29 -2.84 -19.53
N ASP A 243 -28.12 -3.88 -19.51
CA ASP A 243 -29.54 -3.76 -19.16
C ASP A 243 -29.74 -3.14 -17.79
N THR A 244 -29.16 -3.75 -16.75
CA THR A 244 -29.41 -3.28 -15.39
C THR A 244 -28.73 -1.95 -15.10
N GLU A 245 -27.64 -1.66 -15.82
CA GLU A 245 -27.06 -0.33 -15.75
C GLU A 245 -28.04 0.69 -16.31
N SER A 246 -28.66 0.36 -17.44
CA SER A 246 -29.71 1.19 -18.03
C SER A 246 -30.88 1.38 -17.08
N LEU A 247 -31.18 0.35 -16.29
CA LEU A 247 -32.22 0.46 -15.27
C LEU A 247 -31.80 1.39 -14.14
N ALA A 248 -30.55 1.28 -13.71
CA ALA A 248 -30.04 2.12 -12.64
C ALA A 248 -29.97 3.59 -13.05
N LYS A 249 -29.82 3.86 -14.34
CA LYS A 249 -29.79 5.25 -14.85
C LYS A 249 -31.16 5.91 -14.86
N ARG A 250 -32.18 5.09 -14.74
CA ARG A 250 -33.55 5.57 -14.72
C ARG A 250 -33.89 6.34 -13.43
N ILE A 251 -33.35 5.91 -12.29
CA ILE A 251 -33.59 6.58 -11.02
C ILE A 251 -32.44 7.47 -10.65
N CYS A 252 -31.35 7.39 -11.42
CA CYS A 252 -30.19 8.26 -11.26
C CYS A 252 -29.67 8.69 -12.63
N LYS A 253 -30.13 9.86 -13.08
CA LYS A 253 -29.80 10.35 -14.43
C LYS A 253 -28.29 10.50 -14.61
N ASP A 254 -27.65 11.17 -13.65
CA ASP A 254 -26.24 11.48 -13.74
C ASP A 254 -25.35 10.34 -13.19
N LEU A 255 -25.79 9.09 -13.42
CA LEU A 255 -25.07 7.91 -12.93
C LEU A 255 -23.64 7.85 -13.45
N GLU A 256 -23.43 8.26 -14.69
CA GLU A 256 -22.10 8.20 -15.30
C GLU A 256 -21.09 9.15 -14.66
N ASN A 257 -21.57 10.02 -13.78
CA ASN A 257 -20.71 11.00 -13.11
C ASN A 257 -20.76 10.89 -11.60
N LEU A 258 -21.39 9.83 -11.10
CA LEU A 258 -21.50 9.62 -9.66
C LEU A 258 -20.22 9.05 -9.06
N SER A 259 -19.36 8.52 -9.92
CA SER A 259 -18.10 7.92 -9.49
C SER A 259 -16.90 8.52 -10.21
N GLN A 260 -15.84 8.72 -9.44
CA GLN A 260 -14.56 9.22 -9.92
C GLN A 260 -13.90 8.24 -10.87
N ILE A 261 -14.18 6.95 -10.68
CA ILE A 261 -13.56 5.87 -11.46
C ILE A 261 -14.06 5.86 -12.89
N GLN A 262 -13.13 5.75 -13.82
CA GLN A 262 -13.43 5.95 -15.23
C GLN A 262 -13.21 4.70 -16.08
N ASN A 263 -13.95 4.63 -17.19
CA ASN A 263 -13.87 3.54 -18.19
C ASN A 263 -13.88 2.15 -17.60
N ARG A 264 -14.93 1.86 -16.85
CA ARG A 264 -15.11 0.55 -16.26
C ARG A 264 -15.37 -0.51 -17.34
N GLU A 265 -14.91 -1.73 -17.07
CA GLU A 265 -15.13 -2.86 -17.98
C GLU A 265 -15.77 -3.99 -17.22
N PHE A 266 -16.83 -4.55 -17.80
CA PHE A 266 -17.51 -5.68 -17.20
C PHE A 266 -16.55 -6.85 -17.04
N GLY A 267 -16.55 -7.42 -15.84
CA GLY A 267 -15.76 -8.61 -15.55
C GLY A 267 -14.33 -8.30 -15.18
N THR A 268 -14.13 -7.16 -14.54
CA THR A 268 -12.82 -6.70 -14.12
C THR A 268 -12.86 -6.32 -12.64
N GLN A 269 -11.71 -6.05 -12.06
CA GLN A 269 -11.64 -5.65 -10.66
C GLN A 269 -12.01 -4.17 -10.49
N LYS A 270 -11.67 -3.39 -11.52
CA LYS A 270 -11.90 -1.96 -11.49
C LYS A 270 -13.39 -1.66 -11.53
N TYR A 271 -14.15 -2.56 -12.16
CA TYR A 271 -15.60 -2.45 -12.14
C TYR A 271 -16.14 -2.69 -10.72
N GLU A 272 -15.54 -3.63 -10.00
CA GLU A 272 -15.87 -3.89 -8.62
C GLU A 272 -15.61 -2.64 -7.78
N GLN A 273 -14.47 -2.01 -8.02
CA GLN A 273 -14.12 -0.77 -7.33
C GLN A 273 -15.12 0.35 -7.66
N TRP A 274 -15.56 0.41 -8.91
CA TRP A 274 -16.60 1.33 -9.33
C TRP A 274 -17.86 1.11 -8.51
N ILE A 275 -18.27 -0.15 -8.40
CA ILE A 275 -19.40 -0.53 -7.57
C ILE A 275 -19.27 0.03 -6.16
N VAL A 276 -18.11 -0.19 -5.53
CA VAL A 276 -17.88 0.22 -4.15
C VAL A 276 -18.00 1.73 -4.01
N THR A 277 -17.34 2.49 -4.89
CA THR A 277 -17.38 3.95 -4.82
C THR A 277 -18.79 4.52 -5.06
N VAL A 278 -19.55 3.91 -5.96
CA VAL A 278 -20.93 4.32 -6.22
C VAL A 278 -21.82 4.07 -5.00
N GLN A 279 -21.64 2.93 -4.35
CA GLN A 279 -22.40 2.60 -3.16
C GLN A 279 -22.08 3.47 -1.93
N LYS A 280 -20.83 3.90 -1.81
CA LYS A 280 -20.47 4.78 -0.70
C LYS A 280 -20.82 6.25 -1.00
N ALA A 281 -21.18 6.52 -2.25
CA ALA A 281 -21.60 7.85 -2.66
C ALA A 281 -23.11 7.99 -2.47
N CYS A 282 -23.80 6.86 -2.50
CA CYS A 282 -25.25 6.80 -2.30
C CYS A 282 -25.57 6.03 -1.00
N MET A 283 -25.79 6.77 0.09
CA MET A 283 -26.01 6.14 1.40
C MET A 283 -27.49 5.99 1.79
N VAL A 284 -27.87 4.75 2.08
CA VAL A 284 -29.24 4.43 2.51
C VAL A 284 -29.52 4.94 3.92
N GLU A 292 -36.08 10.52 2.25
CA GLU A 292 -36.62 10.49 0.89
C GLU A 292 -35.54 10.06 -0.10
N GLU A 293 -34.35 10.65 0.05
CA GLU A 293 -33.17 10.32 -0.76
C GLU A 293 -32.70 8.88 -0.54
N SER A 294 -33.19 8.29 0.55
CA SER A 294 -32.85 6.93 0.91
C SER A 294 -33.49 5.93 -0.01
N ARG A 295 -34.63 6.32 -0.59
CA ARG A 295 -35.38 5.45 -1.50
C ARG A 295 -34.63 5.29 -2.81
N ILE A 296 -34.28 6.42 -3.45
CA ILE A 296 -33.47 6.44 -4.66
C ILE A 296 -32.18 5.65 -4.47
N CYS A 297 -31.46 5.92 -3.39
CA CYS A 297 -30.17 5.29 -3.13
C CYS A 297 -30.28 3.81 -2.78
N LYS A 298 -31.39 3.42 -2.17
CA LYS A 298 -31.58 2.02 -1.86
C LYS A 298 -31.81 1.22 -3.14
N ALA A 299 -32.68 1.74 -4.00
CA ALA A 299 -32.95 1.11 -5.29
C ALA A 299 -31.66 1.00 -6.08
N LEU A 300 -30.88 2.08 -6.06
CA LEU A 300 -29.57 2.11 -6.68
C LEU A 300 -28.66 1.01 -6.12
N PHE A 301 -28.76 0.78 -4.81
CA PHE A 301 -27.99 -0.27 -4.14
C PHE A 301 -28.42 -1.66 -4.61
N LEU A 302 -29.69 -1.82 -4.92
CA LEU A 302 -30.15 -3.09 -5.46
C LEU A 302 -29.51 -3.34 -6.81
N TYR A 303 -29.66 -2.39 -7.73
CA TYR A 303 -29.10 -2.51 -9.08
C TYR A 303 -27.61 -2.78 -9.05
N THR A 304 -26.89 -2.03 -8.21
CA THR A 304 -25.45 -2.20 -8.14
C THR A 304 -25.07 -3.50 -7.46
N SER A 305 -25.97 -4.06 -6.64
CA SER A 305 -25.75 -5.38 -6.05
C SER A 305 -25.73 -6.41 -7.16
N HIS A 306 -26.78 -6.40 -7.97
CA HIS A 306 -26.88 -7.35 -9.06
C HIS A 306 -25.75 -7.18 -10.07
N LEU A 307 -25.36 -5.93 -10.34
CA LEU A 307 -24.18 -5.66 -11.16
C LEU A 307 -22.90 -6.26 -10.57
N ARG A 308 -22.72 -6.14 -9.24
CA ARG A 308 -21.63 -6.78 -8.53
C ARG A 308 -21.62 -8.30 -8.77
N LYS A 309 -22.77 -8.95 -8.62
CA LYS A 309 -22.88 -10.39 -8.84
C LYS A 309 -22.50 -10.80 -10.25
N TYR A 310 -22.95 -10.00 -11.22
CA TYR A 310 -22.65 -10.30 -12.60
C TYR A 310 -21.17 -10.18 -12.89
N ASN A 311 -20.57 -9.13 -12.33
CA ASN A 311 -19.12 -8.92 -12.43
C ASN A 311 -18.39 -10.14 -11.90
N ASP A 312 -18.69 -10.54 -10.67
CA ASP A 312 -18.19 -11.80 -10.09
C ASP A 312 -18.28 -12.95 -11.07
N ALA A 313 -19.50 -13.16 -11.60
CA ALA A 313 -19.79 -14.26 -12.49
C ALA A 313 -18.85 -14.26 -13.68
N LEU A 314 -18.67 -13.10 -14.30
CA LEU A 314 -17.79 -13.02 -15.45
C LEU A 314 -16.38 -13.48 -15.11
N ILE A 315 -15.87 -13.02 -13.97
CA ILE A 315 -14.53 -13.39 -13.56
C ILE A 315 -14.39 -14.89 -13.33
N ILE A 316 -15.37 -15.49 -12.64
CA ILE A 316 -15.37 -16.94 -12.43
C ILE A 316 -15.29 -17.67 -13.76
N SER A 317 -16.18 -17.32 -14.69
CA SER A 317 -16.23 -17.90 -16.03
C SER A 317 -14.88 -17.76 -16.72
N GLU A 318 -14.18 -16.66 -16.45
CA GLU A 318 -12.89 -16.37 -17.08
C GLU A 318 -11.80 -17.37 -16.65
N HIS A 319 -11.77 -17.65 -15.36
CA HIS A 319 -10.68 -18.44 -14.81
C HIS A 319 -11.05 -19.84 -14.39
N ALA A 320 -12.33 -20.08 -14.15
CA ALA A 320 -12.82 -21.41 -13.87
C ALA A 320 -13.63 -21.89 -15.06
N ARG A 321 -14.78 -22.51 -14.80
CA ARG A 321 -15.63 -22.98 -15.89
C ARG A 321 -17.01 -22.36 -15.81
N MET A 322 -17.60 -22.13 -16.97
CA MET A 322 -18.89 -21.44 -17.07
C MET A 322 -19.95 -22.00 -16.17
N LYS A 323 -19.90 -23.31 -15.94
CA LYS A 323 -20.77 -23.98 -14.99
C LYS A 323 -20.68 -23.34 -13.59
N ASP A 324 -19.46 -23.03 -13.16
CA ASP A 324 -19.22 -22.38 -11.87
C ASP A 324 -19.88 -21.00 -11.81
N ALA A 325 -19.73 -20.21 -12.86
CA ALA A 325 -20.29 -18.87 -12.90
C ALA A 325 -21.81 -18.92 -12.82
N LEU A 326 -22.38 -19.77 -13.68
CA LEU A 326 -23.83 -19.95 -13.77
C LEU A 326 -24.42 -20.53 -12.48
N ASP A 327 -23.71 -21.44 -11.82
CA ASP A 327 -24.10 -21.94 -10.48
C ASP A 327 -24.14 -20.82 -9.47
N TYR A 328 -23.08 -20.03 -9.46
CA TYR A 328 -22.97 -18.88 -8.58
C TYR A 328 -24.18 -17.93 -8.74
N LEU A 329 -24.52 -17.60 -9.98
CA LEU A 329 -25.67 -16.75 -10.27
C LEU A 329 -26.99 -17.40 -9.85
N LYS A 330 -27.19 -18.65 -10.26
CA LYS A 330 -28.39 -19.42 -9.87
C LYS A 330 -28.63 -19.40 -8.37
N ASP A 331 -27.57 -19.63 -7.61
CA ASP A 331 -27.67 -19.60 -6.16
C ASP A 331 -27.99 -18.19 -5.64
N PHE A 332 -27.34 -17.19 -6.22
CA PHE A 332 -27.62 -15.81 -5.84
C PHE A 332 -29.09 -15.46 -5.98
N PHE A 333 -29.67 -15.82 -7.13
CA PHE A 333 -31.06 -15.51 -7.39
C PHE A 333 -31.99 -16.34 -6.52
N SER A 334 -31.61 -17.59 -6.26
CA SER A 334 -32.32 -18.42 -5.30
C SER A 334 -32.38 -17.77 -3.92
N ASN A 335 -31.33 -17.02 -3.58
CA ASN A 335 -31.32 -16.24 -2.34
C ASN A 335 -32.23 -15.01 -2.42
N VAL A 336 -32.21 -14.34 -3.57
CA VAL A 336 -32.98 -13.11 -3.78
C VAL A 336 -34.49 -13.35 -3.71
N ARG A 337 -34.93 -14.47 -4.29
CA ARG A 337 -36.36 -14.83 -4.28
C ARG A 337 -36.74 -15.68 -3.07
N ALA A 338 -35.94 -15.61 -2.01
CA ALA A 338 -36.23 -16.32 -0.76
C ALA A 338 -35.96 -15.45 0.46
N ALA A 339 -35.77 -14.15 0.22
CA ALA A 339 -35.50 -13.18 1.30
C ALA A 339 -35.69 -11.74 0.79
N GLY A 340 -36.41 -11.61 -0.32
CA GLY A 340 -36.66 -10.30 -0.94
C GLY A 340 -37.96 -9.66 -0.49
N PHE A 341 -38.89 -9.42 -1.41
CA PHE A 341 -38.75 -9.71 -2.84
C PHE A 341 -39.56 -8.68 -3.62
N ASP A 342 -39.28 -7.39 -3.40
CA ASP A 342 -40.04 -6.31 -4.02
C ASP A 342 -39.84 -6.15 -5.52
N GLU A 343 -40.61 -5.23 -6.10
CA GLU A 343 -40.76 -5.09 -7.56
C GLU A 343 -39.45 -5.13 -8.34
N ILE A 344 -38.51 -4.25 -7.98
CA ILE A 344 -37.21 -4.17 -8.66
C ILE A 344 -36.46 -5.51 -8.72
N GLU A 345 -36.53 -6.25 -7.63
CA GLU A 345 -35.92 -7.58 -7.54
C GLU A 345 -36.64 -8.63 -8.39
N GLN A 346 -37.98 -8.56 -8.42
CA GLN A 346 -38.78 -9.46 -9.24
C GLN A 346 -38.46 -9.22 -10.70
N ASP A 347 -38.28 -7.94 -11.03
CA ASP A 347 -37.96 -7.52 -12.39
C ASP A 347 -36.59 -8.03 -12.82
N LEU A 348 -35.59 -7.80 -11.96
CA LEU A 348 -34.24 -8.28 -12.19
C LEU A 348 -34.14 -9.81 -12.32
N THR A 349 -34.75 -10.52 -11.38
CA THR A 349 -34.74 -11.96 -11.39
C THR A 349 -35.40 -12.49 -12.66
N GLN A 350 -36.49 -11.85 -13.07
CA GLN A 350 -37.16 -12.23 -14.31
C GLN A 350 -36.25 -12.06 -15.49
N ARG A 351 -35.62 -10.89 -15.59
CA ARG A 351 -34.71 -10.61 -16.71
C ARG A 351 -33.58 -11.63 -16.79
N PHE A 352 -33.15 -12.12 -15.63
CA PHE A 352 -32.19 -13.22 -15.60
C PHE A 352 -32.79 -14.50 -16.16
N GLU A 353 -34.01 -14.82 -15.71
CA GLU A 353 -34.72 -16.03 -16.09
C GLU A 353 -34.95 -16.14 -17.59
N GLU A 354 -35.13 -14.99 -18.23
CA GLU A 354 -35.32 -14.90 -19.67
C GLU A 354 -34.06 -15.33 -20.46
N LYS A 355 -32.92 -15.40 -19.78
CA LYS A 355 -31.67 -15.82 -20.41
C LYS A 355 -31.15 -17.15 -19.86
N LEU A 356 -31.72 -17.57 -18.74
CA LEU A 356 -31.27 -18.74 -18.01
C LEU A 356 -31.03 -19.98 -18.89
N GLN A 357 -31.95 -20.24 -19.83
CA GLN A 357 -31.83 -21.44 -20.68
C GLN A 357 -30.73 -21.35 -21.74
N GLU A 358 -30.50 -20.16 -22.29
CA GLU A 358 -29.40 -19.98 -23.22
C GLU A 358 -28.06 -20.13 -22.50
N LEU A 359 -27.93 -19.48 -21.34
CA LEU A 359 -26.77 -19.65 -20.47
C LEU A 359 -26.55 -21.11 -20.16
N GLU A 360 -27.65 -21.81 -19.91
CA GLU A 360 -27.64 -23.20 -19.55
C GLU A 360 -27.06 -24.02 -20.71
N SER A 361 -27.51 -23.73 -21.92
CA SER A 361 -27.05 -24.39 -23.14
C SER A 361 -25.56 -24.14 -23.36
N VAL A 362 -25.15 -22.90 -23.24
CA VAL A 362 -23.77 -22.50 -23.52
C VAL A 362 -22.79 -23.09 -22.50
N SER A 363 -23.25 -23.26 -21.26
CA SER A 363 -22.39 -23.84 -20.22
C SER A 363 -22.04 -25.31 -20.43
N ARG A 364 -23.03 -26.12 -20.79
CA ARG A 364 -22.83 -27.54 -20.96
C ARG A 364 -22.21 -27.92 -22.31
N ASP A 365 -21.81 -26.91 -23.07
CA ASP A 365 -21.22 -27.10 -24.38
C ASP A 365 -19.71 -27.38 -24.27
N PRO A 366 -19.27 -28.58 -24.73
CA PRO A 366 -17.88 -29.06 -24.73
C PRO A 366 -16.86 -28.05 -25.26
N SER A 367 -17.24 -27.32 -26.31
CA SER A 367 -16.40 -26.26 -26.89
C SER A 367 -16.14 -25.10 -25.92
N ASN A 368 -16.98 -25.00 -24.88
CA ASN A 368 -16.88 -23.89 -23.95
C ASN A 368 -16.12 -24.20 -22.65
N GLU A 369 -15.31 -25.26 -22.64
CA GLU A 369 -14.47 -25.60 -21.49
C GLU A 369 -13.29 -24.64 -21.35
N ASN A 370 -12.61 -24.69 -20.21
CA ASN A 370 -11.41 -23.89 -20.02
C ASN A 370 -10.13 -24.73 -20.05
N PRO A 371 -9.28 -24.54 -21.09
CA PRO A 371 -7.97 -25.20 -21.21
C PRO A 371 -6.96 -24.77 -20.15
N LYS A 372 -7.15 -23.57 -19.59
CA LYS A 372 -6.31 -23.12 -18.49
C LYS A 372 -6.32 -24.15 -17.38
N LEU A 373 -7.53 -24.63 -17.03
CA LEU A 373 -7.73 -25.62 -15.98
C LEU A 373 -6.99 -26.93 -16.27
N GLU A 374 -6.97 -27.30 -17.55
CA GLU A 374 -6.25 -28.49 -17.98
C GLU A 374 -4.78 -28.28 -17.67
N ASP A 375 -4.27 -27.08 -17.92
CA ASP A 375 -2.88 -26.78 -17.65
C ASP A 375 -2.52 -26.92 -16.17
N LEU A 376 -3.29 -26.27 -15.32
CA LEU A 376 -3.14 -26.39 -13.88
C LEU A 376 -3.18 -27.85 -13.42
N CYS A 377 -4.22 -28.56 -13.85
CA CYS A 377 -4.38 -30.00 -13.57
C CYS A 377 -3.10 -30.74 -13.85
N PHE A 378 -2.53 -30.45 -15.02
CA PHE A 378 -1.31 -31.08 -15.43
C PHE A 378 -0.18 -30.84 -14.43
N ILE A 379 0.04 -29.59 -14.04
CA ILE A 379 1.07 -29.27 -13.06
C ILE A 379 0.89 -30.08 -11.77
N LEU A 380 -0.36 -30.19 -11.31
CA LEU A 380 -0.68 -30.93 -10.09
C LEU A 380 -0.35 -32.42 -10.21
N GLN A 381 -0.69 -33.02 -11.34
CA GLN A 381 -0.32 -34.42 -11.63
C GLN A 381 1.18 -34.62 -11.53
N GLU A 382 1.92 -33.88 -12.36
CA GLU A 382 3.36 -34.02 -12.39
C GLU A 382 3.99 -33.89 -11.01
N GLU A 383 3.72 -32.80 -10.34
CA GLU A 383 4.31 -32.53 -9.03
C GLU A 383 3.95 -33.56 -7.96
N TYR A 384 2.71 -34.06 -8.01
CA TYR A 384 2.29 -35.08 -7.04
C TYR A 384 2.68 -36.49 -7.48
N HIS A 385 3.35 -36.58 -8.63
CA HIS A 385 3.92 -37.84 -9.08
C HIS A 385 5.40 -37.88 -8.68
N LEU A 386 6.05 -36.71 -8.71
CA LEU A 386 7.44 -36.57 -8.32
C LEU A 386 7.59 -36.64 -6.79
N ASN A 387 6.50 -36.32 -6.08
CA ASN A 387 6.45 -36.36 -4.61
C ASN A 387 5.01 -36.26 -4.08
N PRO A 388 4.37 -37.42 -3.81
CA PRO A 388 2.99 -37.43 -3.30
C PRO A 388 2.84 -36.86 -1.89
N GLU A 389 3.96 -36.71 -1.17
CA GLU A 389 3.95 -36.09 0.17
C GLU A 389 3.95 -34.54 0.08
N THR A 390 3.33 -34.01 -0.97
CA THR A 390 3.43 -32.59 -1.30
C THR A 390 2.28 -31.76 -0.72
N ILE A 391 2.62 -30.61 -0.15
CA ILE A 391 1.62 -29.66 0.34
C ILE A 391 1.58 -28.46 -0.59
N THR A 392 0.40 -28.17 -1.13
CA THR A 392 0.24 -27.10 -2.11
C THR A 392 -0.58 -25.92 -1.59
N ILE A 393 -0.20 -24.72 -2.00
CA ILE A 393 -1.02 -23.54 -1.78
C ILE A 393 -1.42 -22.93 -3.14
N LEU A 394 -2.73 -22.79 -3.37
CA LEU A 394 -3.22 -22.34 -4.67
C LEU A 394 -3.87 -20.97 -4.60
N PHE A 395 -3.16 -19.96 -5.10
CA PHE A 395 -3.63 -18.59 -5.05
C PHE A 395 -4.51 -18.24 -6.23
N VAL A 396 -5.74 -17.81 -5.95
CA VAL A 396 -6.69 -17.36 -6.95
C VAL A 396 -7.09 -15.90 -6.69
N LYS A 397 -7.72 -15.27 -7.68
CA LYS A 397 -8.02 -13.83 -7.66
C LYS A 397 -9.13 -13.37 -6.71
N THR A 398 -10.27 -14.07 -6.72
CA THR A 398 -11.45 -13.66 -5.96
C THR A 398 -11.93 -14.73 -4.97
N ARG A 399 -12.77 -14.34 -4.01
CA ARG A 399 -13.37 -15.30 -3.09
C ARG A 399 -14.16 -16.39 -3.80
N ALA A 400 -14.84 -16.04 -4.88
CA ALA A 400 -15.68 -16.96 -5.63
C ALA A 400 -14.85 -18.00 -6.43
N LEU A 401 -13.68 -17.55 -6.92
CA LEU A 401 -12.76 -18.44 -7.60
C LEU A 401 -12.21 -19.54 -6.69
N VAL A 402 -12.18 -19.26 -5.39
CA VAL A 402 -11.78 -20.26 -4.39
C VAL A 402 -12.71 -21.45 -4.46
N ASP A 403 -14.02 -21.19 -4.38
CA ASP A 403 -15.04 -22.23 -4.44
C ASP A 403 -15.11 -22.91 -5.79
N ALA A 404 -14.97 -22.13 -6.85
CA ALA A 404 -14.98 -22.67 -8.19
C ALA A 404 -13.88 -23.72 -8.32
N LEU A 405 -12.66 -23.35 -7.90
CA LEU A 405 -11.52 -24.26 -7.97
C LEU A 405 -11.70 -25.49 -7.09
N LYS A 406 -12.20 -25.29 -5.88
CA LYS A 406 -12.46 -26.40 -4.97
C LYS A 406 -13.45 -27.41 -5.56
N ASN A 407 -14.59 -26.94 -6.05
CA ASN A 407 -15.57 -27.83 -6.68
C ASN A 407 -14.97 -28.53 -7.88
N TRP A 408 -14.20 -27.78 -8.67
CA TRP A 408 -13.57 -28.33 -9.85
C TRP A 408 -12.64 -29.48 -9.47
N ILE A 409 -11.85 -29.30 -8.41
CA ILE A 409 -10.92 -30.33 -7.94
C ILE A 409 -11.66 -31.57 -7.42
N GLU A 410 -12.64 -31.35 -6.54
CA GLU A 410 -13.39 -32.44 -5.93
C GLU A 410 -14.17 -33.25 -6.96
N GLY A 411 -14.40 -32.64 -8.13
CA GLY A 411 -15.18 -33.27 -9.18
C GLY A 411 -14.36 -33.65 -10.41
N ASN A 412 -13.04 -33.60 -10.27
CA ASN A 412 -12.12 -33.97 -11.33
C ASN A 412 -11.51 -35.35 -11.03
N PRO A 413 -11.82 -36.36 -11.88
CA PRO A 413 -11.31 -37.74 -11.73
C PRO A 413 -9.79 -37.81 -11.74
N LYS A 414 -9.17 -36.93 -12.52
CA LYS A 414 -7.73 -36.90 -12.68
C LYS A 414 -7.05 -36.33 -11.46
N LEU A 415 -7.82 -35.75 -10.54
CA LEU A 415 -7.26 -35.17 -9.33
C LEU A 415 -7.81 -35.81 -8.05
N SER A 416 -8.14 -37.09 -8.13
CA SER A 416 -8.75 -37.83 -7.02
C SER A 416 -7.79 -38.11 -5.86
N PHE A 417 -6.61 -37.49 -5.90
CA PHE A 417 -5.62 -37.70 -4.86
C PHE A 417 -5.45 -36.43 -4.02
N LEU A 418 -6.17 -35.37 -4.40
CA LEU A 418 -6.11 -34.10 -3.70
C LEU A 418 -7.31 -33.92 -2.79
N LYS A 419 -7.05 -33.73 -1.51
CA LYS A 419 -8.08 -33.44 -0.53
C LYS A 419 -7.99 -31.96 -0.12
N PRO A 420 -8.81 -31.10 -0.73
CA PRO A 420 -8.67 -29.65 -0.65
C PRO A 420 -9.47 -28.99 0.48
N GLY A 421 -9.01 -27.81 0.88
CA GLY A 421 -9.68 -27.00 1.89
C GLY A 421 -9.36 -25.52 1.75
N ILE A 422 -10.24 -24.66 2.25
CA ILE A 422 -10.13 -23.21 2.02
C ILE A 422 -9.91 -22.38 3.29
N LEU A 423 -9.43 -21.16 3.11
CA LEU A 423 -9.10 -20.25 4.22
C LEU A 423 -10.21 -19.20 4.47
N GLY A 451 -5.76 -28.95 7.41
CA GLY A 451 -5.39 -30.31 7.76
C GLY A 451 -6.59 -31.23 7.95
N ASP A 452 -6.33 -32.45 8.45
CA ASP A 452 -4.97 -32.94 8.68
C ASP A 452 -4.77 -34.35 8.12
N HIS A 453 -5.71 -35.26 8.42
CA HIS A 453 -5.71 -36.59 7.82
C HIS A 453 -5.89 -36.52 6.29
N ASN A 454 -6.34 -35.36 5.81
CA ASN A 454 -6.46 -35.09 4.36
C ASN A 454 -6.77 -33.63 3.97
N ILE A 455 -5.77 -32.75 4.07
CA ILE A 455 -5.79 -31.41 3.40
C ILE A 455 -4.36 -31.01 2.95
N LEU A 456 -4.08 -31.27 1.67
CA LEU A 456 -2.74 -31.17 1.12
C LEU A 456 -2.60 -30.05 0.12
N ILE A 457 -3.74 -29.47 -0.27
CA ILE A 457 -3.78 -28.26 -1.06
C ILE A 457 -4.80 -27.27 -0.48
N ALA A 458 -4.36 -26.04 -0.28
CA ALA A 458 -5.23 -25.00 0.27
C ALA A 458 -5.45 -23.88 -0.77
N THR A 459 -6.70 -23.56 -1.06
CA THR A 459 -7.00 -22.50 -2.02
C THR A 459 -7.30 -21.23 -1.25
N SER A 460 -6.70 -20.10 -1.67
CA SER A 460 -6.90 -18.83 -0.95
C SER A 460 -6.65 -17.56 -1.78
N VAL A 461 -6.83 -16.41 -1.15
CA VAL A 461 -6.75 -15.10 -1.83
C VAL A 461 -5.54 -14.27 -1.38
N ALA A 462 -5.48 -13.94 -0.09
CA ALA A 462 -4.27 -13.36 0.52
C ALA A 462 -3.79 -14.36 1.55
N ASP A 463 -2.50 -14.29 1.88
CA ASP A 463 -1.93 -15.16 2.92
C ASP A 463 -2.42 -14.74 4.33
N GLU A 464 -3.64 -15.15 4.66
CA GLU A 464 -4.29 -14.79 5.93
C GLU A 464 -5.15 -15.94 6.45
N ALA A 469 4.97 -21.06 3.42
CA ALA A 469 6.29 -21.28 3.99
C ALA A 469 6.53 -22.76 4.32
N GLN A 470 5.49 -23.44 4.80
CA GLN A 470 5.53 -24.89 5.05
C GLN A 470 5.02 -25.65 3.83
N CYS A 471 4.75 -24.91 2.76
CA CYS A 471 4.25 -25.44 1.51
C CYS A 471 5.37 -25.54 0.47
N ASN A 472 5.69 -26.77 0.07
CA ASN A 472 6.73 -27.02 -0.92
C ASN A 472 6.33 -26.65 -2.36
N LEU A 473 5.03 -26.62 -2.63
CA LEU A 473 4.50 -26.20 -3.94
C LEU A 473 3.59 -24.97 -3.83
N VAL A 474 3.97 -23.87 -4.48
CA VAL A 474 3.13 -22.67 -4.53
C VAL A 474 2.68 -22.43 -5.97
N ILE A 475 1.37 -22.32 -6.18
CA ILE A 475 0.84 -22.02 -7.51
C ILE A 475 0.06 -20.69 -7.53
N LEU A 476 0.46 -19.79 -8.42
CA LEU A 476 -0.26 -18.56 -8.61
C LEU A 476 -1.13 -18.68 -9.86
N TYR A 477 -2.34 -19.19 -9.68
CA TYR A 477 -3.24 -19.41 -10.80
C TYR A 477 -4.03 -18.14 -11.08
N GLU A 478 -3.55 -17.34 -12.01
CA GLU A 478 -4.17 -16.07 -12.40
C GLU A 478 -4.33 -15.12 -11.22
N TYR A 479 -3.29 -14.98 -10.41
CA TYR A 479 -3.36 -14.16 -9.20
C TYR A 479 -2.98 -12.69 -9.46
N VAL A 480 -3.49 -11.78 -8.61
CA VAL A 480 -3.22 -10.33 -8.66
C VAL A 480 -3.74 -9.69 -9.94
N SER A 498 11.37 -26.80 -2.85
CA SER A 498 10.35 -25.77 -2.95
C SER A 498 10.22 -25.15 -4.36
N LYS A 499 9.01 -25.19 -4.90
CA LYS A 499 8.74 -24.65 -6.24
C LYS A 499 7.63 -23.61 -6.24
N CYS A 500 7.60 -22.74 -7.26
CA CYS A 500 6.50 -21.78 -7.45
C CYS A 500 6.15 -21.61 -8.92
N PHE A 501 4.90 -21.93 -9.24
CA PHE A 501 4.42 -21.83 -10.61
C PHE A 501 3.51 -20.62 -10.79
N LEU A 502 3.81 -19.81 -11.80
CA LEU A 502 2.92 -18.71 -12.18
C LEU A 502 2.16 -19.11 -13.44
N LEU A 503 0.83 -19.18 -13.32
CA LEU A 503 -0.01 -19.46 -14.47
C LEU A 503 -0.86 -18.27 -14.80
N THR A 504 -0.69 -17.75 -16.00
CA THR A 504 -1.51 -16.63 -16.44
C THR A 504 -1.73 -16.66 -17.95
N SER A 505 -2.84 -16.07 -18.38
CA SER A 505 -3.13 -15.88 -19.80
C SER A 505 -2.57 -14.56 -20.28
N ASN A 506 -2.15 -13.73 -19.32
CA ASN A 506 -1.69 -12.37 -19.57
C ASN A 506 -0.17 -12.33 -19.72
N ALA A 507 0.29 -12.14 -20.96
CA ALA A 507 1.72 -12.13 -21.26
C ALA A 507 2.45 -10.96 -20.63
N GLY A 508 1.71 -9.91 -20.30
CA GLY A 508 2.29 -8.75 -19.67
C GLY A 508 2.77 -9.08 -18.27
N VAL A 509 1.98 -9.88 -17.57
CA VAL A 509 2.34 -10.32 -16.20
C VAL A 509 3.67 -11.05 -16.21
N ILE A 510 3.80 -12.02 -17.13
CA ILE A 510 5.04 -12.77 -17.32
C ILE A 510 6.19 -11.89 -17.72
N GLU A 511 5.95 -10.96 -18.63
CA GLU A 511 6.96 -10.02 -19.09
C GLU A 511 7.54 -9.25 -17.91
N LYS A 512 6.65 -8.68 -17.09
CA LYS A 512 7.06 -7.92 -15.91
C LYS A 512 7.85 -8.80 -14.96
N GLU A 513 7.43 -10.05 -14.84
CA GLU A 513 8.07 -10.99 -13.94
C GLU A 513 9.51 -11.32 -14.35
N GLN A 514 9.71 -11.58 -15.63
CA GLN A 514 11.06 -11.79 -16.18
C GLN A 514 11.92 -10.53 -16.06
N ILE A 515 11.30 -9.38 -16.21
CA ILE A 515 11.99 -8.11 -15.99
C ILE A 515 12.49 -7.97 -14.56
N ASN A 516 11.65 -8.32 -13.59
CA ASN A 516 12.07 -8.27 -12.20
C ASN A 516 13.19 -9.27 -11.87
N MET A 517 13.17 -10.43 -12.53
CA MET A 517 14.22 -11.41 -12.36
C MET A 517 15.55 -10.86 -12.86
N TYR A 518 15.54 -10.35 -14.08
CA TYR A 518 16.72 -9.75 -14.68
C TYR A 518 17.26 -8.62 -13.80
N LYS A 519 16.35 -7.81 -13.26
CA LYS A 519 16.69 -6.73 -12.32
C LYS A 519 17.40 -7.26 -11.09
N GLU A 520 16.93 -8.38 -10.55
CA GLU A 520 17.56 -8.97 -9.38
C GLU A 520 18.99 -9.29 -9.68
N LYS A 521 19.24 -9.89 -10.84
CA LYS A 521 20.59 -10.25 -11.25
C LYS A 521 21.49 -9.02 -11.43
N MET A 522 20.97 -7.97 -12.07
CA MET A 522 21.71 -6.72 -12.22
C MET A 522 22.08 -6.14 -10.85
N MET A 523 21.12 -6.14 -9.93
CA MET A 523 21.36 -5.73 -8.57
C MET A 523 22.51 -6.51 -7.92
N ASN A 524 22.44 -7.83 -7.97
CA ASN A 524 23.45 -8.66 -7.31
C ASN A 524 24.85 -8.55 -7.91
N ASP A 525 24.91 -8.50 -9.24
CA ASP A 525 26.16 -8.26 -9.95
C ASP A 525 26.76 -6.90 -9.57
N SER A 526 25.90 -5.90 -9.46
CA SER A 526 26.34 -4.56 -9.13
C SER A 526 26.90 -4.47 -7.71
N ILE A 527 26.21 -5.07 -6.74
CA ILE A 527 26.66 -5.09 -5.35
C ILE A 527 28.02 -5.79 -5.26
N LEU A 528 28.11 -6.95 -5.92
CA LEU A 528 29.33 -7.73 -5.96
C LEU A 528 30.48 -6.91 -6.48
N ARG A 529 30.24 -6.13 -7.54
CA ARG A 529 31.27 -5.31 -8.14
C ARG A 529 31.68 -4.17 -7.21
N LEU A 530 30.70 -3.44 -6.72
CA LEU A 530 30.88 -2.41 -5.70
C LEU A 530 31.82 -2.86 -4.57
N GLN A 531 31.60 -4.08 -4.08
CA GLN A 531 32.31 -4.54 -2.90
C GLN A 531 33.80 -4.80 -3.13
N THR A 532 34.24 -4.72 -4.39
CA THR A 532 35.65 -4.94 -4.73
C THR A 532 36.48 -3.66 -4.62
N TRP A 533 35.79 -2.52 -4.60
CA TRP A 533 36.46 -1.22 -4.61
C TRP A 533 37.05 -0.88 -3.26
N ASP A 534 38.21 -0.24 -3.28
CA ASP A 534 38.81 0.18 -2.02
C ASP A 534 37.87 1.19 -1.43
N GLU A 535 37.74 1.15 -0.12
CA GLU A 535 36.78 1.99 0.57
C GLU A 535 37.01 3.51 0.33
N ALA A 536 38.27 3.91 0.17
CA ALA A 536 38.64 5.32 -0.01
C ALA A 536 38.06 5.84 -1.32
N VAL A 537 38.23 5.07 -2.39
CA VAL A 537 37.74 5.43 -3.70
C VAL A 537 36.23 5.60 -3.69
N PHE A 538 35.55 4.60 -3.11
CA PHE A 538 34.12 4.62 -2.99
C PHE A 538 33.63 5.82 -2.16
N ARG A 539 34.32 6.15 -1.07
CA ARG A 539 33.93 7.29 -0.27
C ARG A 539 34.08 8.61 -1.02
N GLU A 540 35.09 8.68 -1.87
CA GLU A 540 35.30 9.84 -2.69
C GLU A 540 34.13 10.00 -3.70
N LYS A 541 33.76 8.90 -4.37
CA LYS A 541 32.62 8.92 -5.28
C LYS A 541 31.33 9.32 -4.57
N ILE A 542 31.12 8.72 -3.39
CA ILE A 542 29.97 9.03 -2.57
C ILE A 542 29.94 10.53 -2.24
N LEU A 543 31.11 11.06 -1.90
CA LEU A 543 31.21 12.45 -1.48
C LEU A 543 30.70 13.35 -2.57
N HIS A 544 31.10 13.08 -3.79
CA HIS A 544 30.72 13.99 -4.84
C HIS A 544 29.30 13.81 -5.37
N ILE A 545 28.77 12.60 -5.28
CA ILE A 545 27.35 12.38 -5.53
C ILE A 545 26.51 13.20 -4.52
N GLN A 546 26.94 13.20 -3.27
CA GLN A 546 26.20 13.88 -2.21
C GLN A 546 26.25 15.37 -2.43
N THR A 547 27.42 15.88 -2.82
CA THR A 547 27.60 17.28 -3.14
C THR A 547 26.65 17.70 -4.29
N HIS A 548 26.59 16.88 -5.33
CA HIS A 548 25.71 17.12 -6.46
C HIS A 548 24.22 17.12 -6.08
N GLU A 549 23.78 16.09 -5.37
CA GLU A 549 22.37 15.99 -4.97
C GLU A 549 21.98 17.17 -4.09
N LYS A 550 22.93 17.61 -3.26
CA LYS A 550 22.67 18.75 -2.38
C LYS A 550 22.46 20.02 -3.18
N PHE A 551 23.33 20.26 -4.16
CA PHE A 551 23.19 21.42 -5.03
C PHE A 551 21.82 21.42 -5.68
N ILE A 552 21.43 20.31 -6.30
CA ILE A 552 20.13 20.20 -6.94
C ILE A 552 19.00 20.50 -5.96
N ARG A 553 19.09 19.96 -4.76
CA ARG A 553 18.04 20.11 -3.76
C ARG A 553 17.86 21.57 -3.36
N ASP A 554 18.96 22.27 -3.15
CA ASP A 554 18.90 23.66 -2.72
C ASP A 554 18.59 24.63 -3.87
N SER A 555 19.08 24.32 -5.07
CA SER A 555 18.78 25.13 -6.26
C SER A 555 17.33 25.08 -6.65
N GLN A 556 16.71 23.93 -6.46
CA GLN A 556 15.31 23.74 -6.83
C GLN A 556 14.40 24.04 -5.65
N GLU A 557 14.63 25.20 -5.03
CA GLU A 557 13.77 25.76 -4.00
C GLU A 557 12.42 26.05 -4.65
N LYS A 558 11.46 26.51 -3.84
CA LYS A 558 10.08 26.55 -4.27
C LYS A 558 9.86 27.31 -5.61
N PRO A 559 9.97 28.66 -5.63
CA PRO A 559 10.06 29.68 -4.57
C PRO A 559 8.64 29.96 -4.05
N LYS A 560 8.51 30.76 -3.00
CA LYS A 560 7.20 31.11 -2.44
C LYS A 560 6.24 31.54 -3.56
N PRO A 561 5.00 30.99 -3.58
CA PRO A 561 4.09 31.14 -4.73
C PRO A 561 3.73 32.58 -5.10
N VAL A 562 3.57 33.44 -4.09
CA VAL A 562 2.95 34.76 -4.25
C VAL A 562 1.51 34.61 -4.76
N PRO A 563 0.54 34.81 -3.86
CA PRO A 563 -0.87 34.48 -4.10
C PRO A 563 -1.64 35.49 -4.94
N ASP A 564 -2.70 35.01 -5.58
CA ASP A 564 -3.69 35.87 -6.20
C ASP A 564 -4.72 36.27 -5.13
N LYS A 565 -4.54 37.48 -4.58
CA LYS A 565 -5.34 37.97 -3.45
C LYS A 565 -6.82 38.24 -3.79
N GLU A 566 -7.18 38.07 -5.06
CA GLU A 566 -8.56 38.26 -5.53
C GLU A 566 -9.49 37.20 -4.97
N ASN A 567 -10.72 37.62 -4.65
CA ASN A 567 -11.73 36.71 -4.12
C ASN A 567 -12.28 35.78 -5.22
N LYS A 568 -12.07 34.48 -5.04
CA LYS A 568 -12.68 33.48 -5.91
C LYS A 568 -13.81 32.73 -5.17
N LYS A 569 -14.62 31.98 -5.92
CA LYS A 569 -15.79 31.30 -5.34
C LYS A 569 -15.64 29.76 -5.29
N LEU A 570 -16.40 29.14 -4.39
CA LEU A 570 -16.32 27.69 -4.15
C LEU A 570 -17.70 27.03 -4.18
N LEU A 571 -17.87 26.11 -5.13
CA LEU A 571 -19.11 25.40 -5.36
C LEU A 571 -18.93 23.88 -5.23
N CYS A 572 -19.98 23.17 -4.84
CA CYS A 572 -19.94 21.72 -4.77
C CYS A 572 -19.77 21.17 -6.21
N ARG A 573 -18.62 20.53 -6.44
CA ARG A 573 -18.21 19.95 -7.73
C ARG A 573 -19.31 19.14 -8.43
N LYS A 574 -20.19 18.54 -7.61
CA LYS A 574 -21.31 17.75 -8.08
C LYS A 574 -22.46 18.63 -8.54
N CYS A 575 -23.12 19.32 -7.61
CA CYS A 575 -24.28 20.12 -7.98
C CYS A 575 -24.05 21.63 -8.20
N LYS A 576 -22.81 22.10 -8.07
CA LYS A 576 -22.45 23.50 -8.33
C LYS A 576 -23.14 24.58 -7.47
N ALA A 577 -23.67 24.16 -6.31
CA ALA A 577 -24.27 25.09 -5.36
C ALA A 577 -23.21 25.85 -4.56
N LEU A 578 -23.61 27.00 -4.05
CA LEU A 578 -22.69 27.85 -3.32
C LEU A 578 -22.27 27.18 -2.02
N ALA A 579 -20.98 26.87 -1.93
CA ALA A 579 -20.40 26.42 -0.69
C ALA A 579 -19.91 27.66 0.06
N CYS A 580 -18.86 28.30 -0.46
CA CYS A 580 -18.30 29.50 0.16
C CYS A 580 -17.32 30.34 -0.71
N TYR A 581 -16.67 31.32 -0.08
CA TYR A 581 -15.71 32.20 -0.75
C TYR A 581 -14.29 32.01 -0.20
N THR A 582 -13.28 32.41 -0.97
CA THR A 582 -11.88 32.23 -0.56
C THR A 582 -11.46 33.13 0.61
N ALA A 583 -12.08 34.31 0.68
CA ALA A 583 -11.84 35.27 1.77
C ALA A 583 -12.31 34.72 3.11
N ASP A 584 -13.18 33.73 3.07
CA ASP A 584 -13.70 33.07 4.27
C ASP A 584 -12.88 31.83 4.65
N VAL A 585 -11.74 31.61 3.99
CA VAL A 585 -10.96 30.39 4.22
C VAL A 585 -9.65 30.62 4.96
N ARG A 586 -9.49 29.88 6.06
CA ARG A 586 -8.33 29.98 6.94
C ARG A 586 -7.52 28.70 6.88
N VAL A 587 -6.20 28.84 7.00
CA VAL A 587 -5.28 27.71 6.93
C VAL A 587 -4.87 27.34 8.34
N ILE A 588 -5.02 26.06 8.67
CA ILE A 588 -4.65 25.59 9.99
C ILE A 588 -3.42 24.73 9.92
N GLU A 589 -2.33 25.23 10.53
CA GLU A 589 -1.02 24.58 10.53
C GLU A 589 -0.57 24.25 9.11
N ASP A 590 -0.46 25.29 8.28
CA ASP A 590 0.16 25.22 6.93
C ASP A 590 -0.59 24.39 5.88
N CYS A 591 -1.19 23.27 6.29
CA CYS A 591 -1.66 22.25 5.35
C CYS A 591 -3.17 21.94 5.37
N HIS A 592 -3.90 22.48 6.35
CA HIS A 592 -5.33 22.17 6.49
C HIS A 592 -6.18 23.43 6.32
N TYR A 593 -7.32 23.28 5.64
CA TYR A 593 -8.09 24.45 5.23
C TYR A 593 -9.55 24.41 5.70
N THR A 594 -9.92 25.39 6.53
CA THR A 594 -11.26 25.46 7.09
C THR A 594 -11.96 26.71 6.58
N VAL A 595 -13.26 26.81 6.86
CA VAL A 595 -14.06 27.95 6.45
C VAL A 595 -14.71 28.63 7.68
N LEU A 596 -14.80 29.95 7.65
CA LEU A 596 -15.42 30.72 8.75
C LEU A 596 -16.87 31.09 8.49
N GLY A 597 -17.62 31.31 9.57
CA GLY A 597 -18.99 31.84 9.49
C GLY A 597 -20.08 30.77 9.59
N ASP A 598 -21.24 31.14 10.12
CA ASP A 598 -22.36 30.21 10.23
C ASP A 598 -23.04 29.99 8.88
N ALA A 599 -22.99 31.02 8.02
CA ALA A 599 -23.57 30.98 6.68
C ALA A 599 -23.09 29.79 5.85
N PHE A 600 -21.95 29.24 6.25
CA PHE A 600 -21.38 28.07 5.59
C PHE A 600 -21.96 26.76 6.14
N LYS A 601 -22.30 26.76 7.42
CA LYS A 601 -22.77 25.56 8.10
C LYS A 601 -24.13 25.07 7.60
N GLU A 602 -24.86 25.97 6.93
CA GLU A 602 -26.17 25.64 6.34
C GLU A 602 -26.00 24.85 5.05
N CYS A 603 -24.76 24.79 4.55
CA CYS A 603 -24.47 24.22 3.25
C CYS A 603 -23.95 22.79 3.35
N PHE A 604 -23.56 22.38 4.55
CA PHE A 604 -23.15 21.01 4.79
C PHE A 604 -23.92 20.33 5.93
N VAL A 605 -24.03 19.00 5.85
CA VAL A 605 -24.54 18.19 6.95
C VAL A 605 -23.44 17.25 7.45
N SER A 606 -23.46 16.96 8.74
CA SER A 606 -22.48 16.06 9.35
C SER A 606 -23.03 14.66 9.47
N ARG A 607 -22.13 13.69 9.52
CA ARG A 607 -22.50 12.29 9.61
C ARG A 607 -21.31 11.53 10.18
N PRO A 608 -21.51 10.84 11.32
CA PRO A 608 -20.46 10.16 12.09
C PRO A 608 -19.46 9.39 11.22
N HIS A 609 -18.17 9.52 11.54
CA HIS A 609 -17.09 8.96 10.73
C HIS A 609 -16.94 7.44 10.96
N PRO A 610 -16.86 6.67 9.86
CA PRO A 610 -16.67 5.21 9.91
C PRO A 610 -15.46 4.84 10.76
N LYS A 611 -14.36 5.55 10.57
CA LYS A 611 -13.17 5.39 11.38
C LYS A 611 -12.64 6.73 11.88
N PRO A 612 -12.93 7.06 13.15
CA PRO A 612 -12.38 8.27 13.76
C PRO A 612 -10.86 8.12 13.90
N LYS A 613 -10.13 9.13 13.44
CA LYS A 613 -8.67 9.13 13.55
C LYS A 613 -8.19 10.33 14.36
N GLN A 614 -7.17 10.10 15.17
CA GLN A 614 -6.51 11.14 15.93
C GLN A 614 -5.21 11.48 15.23
N PHE A 615 -5.26 12.37 14.25
CA PHE A 615 -4.06 12.74 13.52
C PHE A 615 -3.51 14.08 13.97
N SER A 616 -2.20 14.14 14.19
CA SER A 616 -1.49 15.38 14.53
C SER A 616 -2.10 16.06 15.75
N SER A 617 -2.83 17.14 15.52
CA SER A 617 -3.45 17.89 16.61
C SER A 617 -4.96 18.02 16.43
N PHE A 618 -5.51 17.23 15.52
CA PHE A 618 -6.92 17.27 15.20
C PHE A 618 -7.60 16.00 15.68
N GLU A 619 -8.92 16.06 15.77
CA GLU A 619 -9.71 14.93 16.21
C GLU A 619 -10.87 14.74 15.23
N LYS A 620 -10.59 13.96 14.20
CA LYS A 620 -11.57 13.60 13.19
C LYS A 620 -12.71 12.85 13.86
N ARG A 621 -13.90 13.46 13.88
CA ARG A 621 -15.04 12.83 14.51
C ARG A 621 -16.28 12.71 13.60
N ALA A 622 -16.25 13.34 12.44
CA ALA A 622 -17.38 13.27 11.50
C ALA A 622 -17.00 13.48 10.05
N LYS A 623 -17.68 12.77 9.16
CA LYS A 623 -17.61 13.01 7.72
C LYS A 623 -18.65 14.06 7.36
N ILE A 624 -18.31 14.99 6.46
CA ILE A 624 -19.25 16.07 6.10
C ILE A 624 -19.61 16.16 4.62
N PHE A 625 -20.89 16.42 4.32
CA PHE A 625 -21.38 16.40 2.94
C PHE A 625 -22.21 17.63 2.62
N CYS A 626 -22.41 17.88 1.32
CA CYS A 626 -23.31 18.93 0.82
C CYS A 626 -24.70 18.73 1.42
N ALA A 627 -25.44 19.82 1.62
CA ALA A 627 -26.72 19.75 2.31
C ALA A 627 -27.90 19.61 1.35
N ARG A 628 -27.63 19.79 0.06
CA ARG A 628 -28.65 19.80 -0.97
C ARG A 628 -29.55 18.56 -1.03
N GLN A 629 -30.65 18.70 -1.76
CA GLN A 629 -31.56 17.61 -2.01
C GLN A 629 -30.89 16.51 -2.82
N ASN A 630 -30.16 15.65 -2.10
CA ASN A 630 -29.58 14.41 -2.64
C ASN A 630 -28.33 14.62 -3.43
N CYS A 631 -27.63 15.70 -3.16
CA CYS A 631 -26.29 15.70 -3.60
C CYS A 631 -25.66 14.76 -2.61
N SER A 632 -25.23 15.37 -1.50
CA SER A 632 -24.49 14.70 -0.47
C SER A 632 -23.12 14.33 -0.99
N HIS A 633 -22.40 15.31 -1.52
CA HIS A 633 -21.04 15.07 -1.98
C HIS A 633 -20.06 15.11 -0.80
N ASP A 634 -19.10 14.19 -0.79
CA ASP A 634 -18.06 14.18 0.22
C ASP A 634 -17.27 15.48 0.19
N TRP A 635 -17.58 16.40 1.10
CA TRP A 635 -16.88 17.68 1.19
C TRP A 635 -15.55 17.58 1.97
N GLY A 636 -15.53 16.75 3.03
CA GLY A 636 -14.34 16.58 3.86
C GLY A 636 -14.70 15.92 5.18
N ILE A 637 -14.29 16.54 6.28
CA ILE A 637 -14.56 16.01 7.64
C ILE A 637 -14.92 17.11 8.64
N HIS A 638 -15.29 16.71 9.85
CA HIS A 638 -15.47 17.66 10.94
C HIS A 638 -14.60 17.22 12.11
N VAL A 639 -13.82 18.16 12.63
CA VAL A 639 -12.85 17.84 13.68
C VAL A 639 -13.10 18.64 14.95
N LYS A 640 -12.68 18.04 16.06
CA LYS A 640 -12.46 18.82 17.26
C LYS A 640 -11.00 19.23 17.16
N TYR A 641 -10.76 20.53 17.05
CA TYR A 641 -9.39 21.02 16.95
C TYR A 641 -9.06 21.85 18.16
N LYS A 642 -8.08 21.40 18.93
CA LYS A 642 -7.79 21.95 20.26
C LYS A 642 -9.07 22.02 21.13
N THR A 643 -9.83 23.10 21.02
CA THR A 643 -11.10 23.24 21.72
C THR A 643 -12.27 23.39 20.75
N PHE A 644 -11.93 23.66 19.50
CA PHE A 644 -12.94 24.07 18.52
C PHE A 644 -13.56 22.92 17.73
N GLU A 645 -14.87 23.06 17.46
CA GLU A 645 -15.57 22.20 16.54
C GLU A 645 -15.60 22.90 15.19
N ILE A 646 -14.77 22.45 14.26
CA ILE A 646 -14.66 23.10 12.95
C ILE A 646 -14.71 22.09 11.78
N PRO A 647 -15.07 22.55 10.58
CA PRO A 647 -15.02 21.70 9.40
C PRO A 647 -13.68 21.79 8.69
N VAL A 648 -13.19 20.65 8.18
CA VAL A 648 -12.02 20.68 7.27
C VAL A 648 -12.39 20.11 5.91
N ILE A 649 -12.17 20.93 4.88
CA ILE A 649 -12.60 20.62 3.52
C ILE A 649 -11.43 20.28 2.60
N LYS A 650 -11.69 19.48 1.58
CA LYS A 650 -10.68 19.16 0.57
C LYS A 650 -11.04 19.82 -0.75
N ILE A 651 -10.05 20.43 -1.41
CA ILE A 651 -10.28 21.21 -2.62
C ILE A 651 -10.82 20.37 -3.79
N GLU A 652 -10.71 19.05 -3.68
CA GLU A 652 -11.16 18.18 -4.77
C GLU A 652 -12.68 17.96 -4.76
N SER A 653 -13.33 18.48 -3.73
CA SER A 653 -14.77 18.36 -3.57
C SER A 653 -15.48 19.63 -4.05
N PHE A 654 -14.72 20.53 -4.64
CA PHE A 654 -15.25 21.84 -5.06
C PHE A 654 -14.74 22.27 -6.42
N VAL A 655 -15.64 22.91 -7.17
CA VAL A 655 -15.26 23.65 -8.36
C VAL A 655 -15.05 25.11 -7.96
N VAL A 656 -13.89 25.64 -8.32
CA VAL A 656 -13.57 27.05 -8.13
C VAL A 656 -14.15 27.82 -9.30
N GLU A 657 -14.81 28.94 -9.01
CA GLU A 657 -15.40 29.77 -10.05
C GLU A 657 -15.07 31.25 -9.81
N ASP A 658 -14.54 31.91 -10.84
CA ASP A 658 -14.27 33.34 -10.80
C ASP A 658 -15.58 34.09 -10.85
N ILE A 659 -15.75 35.06 -9.96
CA ILE A 659 -17.04 35.74 -9.82
C ILE A 659 -17.33 36.66 -11.00
N ALA A 660 -16.29 37.36 -11.45
CA ALA A 660 -16.39 38.28 -12.56
C ALA A 660 -16.73 37.58 -13.89
N THR A 661 -16.02 36.49 -14.16
CA THR A 661 -16.05 35.85 -15.48
C THR A 661 -17.05 34.70 -15.56
N GLY A 662 -16.87 33.71 -14.71
CA GLY A 662 -17.69 32.52 -14.72
C GLY A 662 -16.93 31.24 -15.06
N VAL A 663 -15.67 31.37 -15.47
CA VAL A 663 -14.86 30.21 -15.86
C VAL A 663 -14.61 29.35 -14.61
N GLN A 664 -14.46 28.06 -14.83
CA GLN A 664 -14.29 27.12 -13.73
C GLN A 664 -12.95 26.41 -13.78
N THR A 665 -12.18 26.58 -12.71
CA THR A 665 -10.88 25.95 -12.56
C THR A 665 -10.98 24.77 -11.59
N LEU A 666 -10.17 23.73 -11.82
CA LEU A 666 -10.17 22.52 -10.97
C LEU A 666 -8.82 22.26 -10.33
N TYR A 667 -8.86 21.97 -9.03
CA TYR A 667 -7.67 21.73 -8.22
C TYR A 667 -7.77 20.41 -7.46
N SER A 668 -6.72 19.60 -7.56
CA SER A 668 -6.68 18.33 -6.85
C SER A 668 -6.21 18.51 -5.41
N LYS A 669 -5.15 19.30 -5.22
CA LYS A 669 -4.55 19.52 -3.90
C LYS A 669 -4.45 21.02 -3.58
N TRP A 670 -4.58 21.36 -2.30
CA TRP A 670 -4.49 22.77 -1.85
C TRP A 670 -3.10 23.37 -2.10
N LYS A 671 -2.11 22.50 -2.27
CA LYS A 671 -0.77 22.89 -2.60
C LYS A 671 -0.74 23.66 -3.93
N ASP A 672 -1.58 23.23 -4.87
CA ASP A 672 -1.64 23.79 -6.23
C ASP A 672 -2.54 25.00 -6.34
N PHE A 673 -3.29 25.27 -5.28
CA PHE A 673 -4.21 26.40 -5.25
C PHE A 673 -3.48 27.60 -4.66
N HIS A 674 -3.30 28.64 -5.46
CA HIS A 674 -2.49 29.78 -5.05
C HIS A 674 -3.33 31.05 -4.84
N PHE A 675 -4.01 31.10 -3.70
CA PHE A 675 -4.83 32.26 -3.34
C PHE A 675 -4.34 32.87 -2.02
N GLU A 676 -4.82 34.07 -1.70
CA GLU A 676 -4.45 34.73 -0.46
C GLU A 676 -4.79 33.85 0.78
N LYS A 677 -3.93 32.86 1.04
CA LYS A 677 -4.14 31.95 2.16
C LYS A 677 -3.92 32.64 3.50
N ILE A 678 -5.02 32.97 4.16
CA ILE A 678 -4.98 33.66 5.45
C ILE A 678 -4.75 32.66 6.58
N PRO A 679 -3.72 32.89 7.41
CA PRO A 679 -3.49 32.04 8.57
C PRO A 679 -4.64 32.12 9.55
N PHE A 680 -5.03 30.97 10.10
CA PHE A 680 -6.17 30.86 11.01
C PHE A 680 -5.86 31.43 12.40
N ASP A 681 -6.74 32.31 12.87
CA ASP A 681 -6.66 32.90 14.20
C ASP A 681 -7.92 32.44 14.93
N PRO A 682 -7.77 31.94 16.17
CA PRO A 682 -8.89 31.32 16.88
C PRO A 682 -10.08 32.28 17.17
N ALA A 683 -9.81 33.41 17.79
CA ALA A 683 -10.86 34.32 18.21
C ALA A 683 -11.47 35.09 17.02
N GLU A 684 -12.36 34.43 16.28
CA GLU A 684 -13.06 35.06 15.15
C GLU A 684 -14.51 34.60 15.08
#